data_8COJ
#
_entry.id   8COJ
#
_cell.length_a   98.905
_cell.length_b   98.905
_cell.length_c   99.746
_cell.angle_alpha   90.000
_cell.angle_beta   90.000
_cell.angle_gamma   120.000
#
_symmetry.space_group_name_H-M   'P 63'
#
loop_
_entity.id
_entity.type
_entity.pdbx_description
1 polymer 'Adenylate cyclase type 10'
2 non-polymer 4-chloranyl-6-[4-[(3-fluorophenyl)methyl]-1-methyl-pyrazol-3-yl]pyrimidin-2-amine
3 non-polymer 'DIMETHYL SULFOXIDE'
4 non-polymer 'ACETATE ION'
5 non-polymer 1,2-ETHANEDIOL
6 water water
#
_entity_poly.entity_id   1
_entity_poly.type   'polypeptide(L)'
_entity_poly.pdbx_seq_one_letter_code
;MNTPKEEFQDWPIVRIAAHLPDLIVYGHFSPERPFMDYFDGVLMFVDISGFTAMTEKFSSAMYMDRGAEQLVEILNYHIS
AIVEKVLIFGGDILKFAGDALLALWRVERKQLKNIITVVIKCSLEIHGLFETQEWEEGLDIRVKIGLAAGHISMLVFGDE
THSHFLVIGQAVDDVRLAQNMAQMNDVILSPNCWQLCDRSMIEIESVPDQRAVKVNFLKPPPNFNFDEFFTKCTTFMHYY
PSGEHKNLLRLA(CME)TLKPDPELEMSLQKYVMESILKQIDNKQLQGYLSELRPVTIVFVNLMFEDQDKAEEIGPAIQD
AYMHITSVLKIFQGQINKVFMFDKGCSFLCVFGFPGEKVPDELTHALECAMDIFDFCSQVHKIQTVSIGVASGIVFCGIV
GHTVRHEYTVIGQKVNLAARMMMYYPGIVTCDSVTYNGSNLPAYFFKELPKKVMKGVADSGPLYQYWGRTEKVHHHHHH
;
_entity_poly.pdbx_strand_id   A
#
loop_
_chem_comp.id
_chem_comp.type
_chem_comp.name
_chem_comp.formula
ACT non-polymer 'ACETATE ION' 'C2 H3 O2 -1'
DMS non-polymer 'DIMETHYL SULFOXIDE' 'C2 H6 O S'
EDO non-polymer 1,2-ETHANEDIOL 'C2 H6 O2'
VE1 non-polymer 4-chloranyl-6-[4-[(3-fluorophenyl)methyl]-1-methyl-pyrazol-3-yl]pyrimidin-2-amine 'C15 H13 Cl F N5'
#
# COMPACT_ATOMS: atom_id res chain seq x y z
N GLU A 7 12.78 -30.61 1.45
CA GLU A 7 13.26 -29.32 1.94
C GLU A 7 12.23 -28.68 2.88
N PHE A 8 12.50 -28.77 4.18
CA PHE A 8 11.69 -28.06 5.16
C PHE A 8 11.86 -26.56 4.96
N GLN A 9 10.73 -25.83 4.86
CA GLN A 9 10.79 -24.42 4.53
C GLN A 9 9.86 -23.56 5.39
N ASP A 10 9.35 -24.08 6.51
CA ASP A 10 8.38 -23.35 7.31
C ASP A 10 9.03 -22.64 8.51
N TRP A 11 10.24 -22.15 8.35
CA TRP A 11 10.91 -21.48 9.46
C TRP A 11 10.24 -20.14 9.73
N PRO A 12 10.33 -19.65 10.97
CA PRO A 12 9.83 -18.29 11.24
C PRO A 12 10.34 -17.27 10.25
N ILE A 13 11.63 -17.31 9.92
CA ILE A 13 12.17 -16.30 8.99
C ILE A 13 11.41 -16.33 7.66
N VAL A 14 11.05 -17.53 7.22
CA VAL A 14 10.29 -17.63 5.96
C VAL A 14 8.90 -17.04 6.14
N ARG A 15 8.25 -17.29 7.28
CA ARG A 15 6.92 -16.73 7.49
C ARG A 15 6.93 -15.21 7.59
N ILE A 16 7.98 -14.64 8.19
CA ILE A 16 8.15 -13.19 8.21
C ILE A 16 8.37 -12.64 6.80
N ALA A 17 9.19 -13.32 6.01
CA ALA A 17 9.50 -12.83 4.67
C ALA A 17 8.27 -12.77 3.78
N ALA A 18 7.24 -13.56 4.10
CA ALA A 18 6.03 -13.56 3.29
C ALA A 18 5.36 -12.18 3.31
N HIS A 19 5.58 -11.41 4.36
CA HIS A 19 4.96 -10.10 4.53
C HIS A 19 5.74 -8.98 3.89
N LEU A 20 6.84 -9.28 3.19
CA LEU A 20 7.77 -8.27 2.72
C LEU A 20 8.13 -8.56 1.26
N PRO A 21 8.45 -7.52 0.49
CA PRO A 21 8.97 -7.74 -0.86
C PRO A 21 10.43 -8.17 -0.83
N ASP A 22 10.87 -8.72 -1.96
CA ASP A 22 12.28 -9.04 -2.14
C ASP A 22 13.15 -7.79 -2.02
N LEU A 23 12.60 -6.65 -2.40
CA LEU A 23 13.32 -5.39 -2.25
C LEU A 23 13.85 -5.23 -0.83
N ILE A 24 13.09 -5.68 0.16
CA ILE A 24 13.51 -5.64 1.56
C ILE A 24 14.17 -6.94 1.99
N VAL A 25 13.63 -8.10 1.59
CA VAL A 25 14.17 -9.36 2.08
C VAL A 25 15.63 -9.53 1.67
N TYR A 26 15.98 -9.17 0.43
CA TYR A 26 17.32 -9.43 -0.10
C TYR A 26 18.13 -8.15 -0.24
N GLY A 27 17.63 -7.04 0.28
CA GLY A 27 18.48 -5.86 0.40
C GLY A 27 19.58 -6.05 1.43
N HIS A 28 20.60 -5.22 1.34
CA HIS A 28 21.63 -5.24 2.38
C HIS A 28 22.12 -3.80 2.51
N PHE A 29 21.48 -3.07 3.42
CA PHE A 29 21.74 -1.65 3.54
C PHE A 29 21.89 -1.25 4.99
N SER A 30 22.32 0.00 5.18
CA SER A 30 22.85 0.48 6.45
C SER A 30 21.77 0.52 7.52
N PRO A 31 22.18 0.61 8.78
CA PRO A 31 21.21 0.92 9.86
C PRO A 31 20.82 2.38 9.92
N GLU A 32 21.50 3.25 9.17
CA GLU A 32 21.16 4.67 9.16
C GLU A 32 19.71 4.87 8.70
N ARG A 33 19.01 5.76 9.40
CA ARG A 33 17.64 6.09 9.06
C ARG A 33 17.57 7.62 8.96
N PRO A 34 17.10 8.17 7.84
CA PRO A 34 16.59 7.44 6.67
C PRO A 34 17.70 6.78 5.86
N PHE A 35 17.39 5.66 5.21
CA PHE A 35 18.27 5.08 4.21
C PHE A 35 17.60 5.22 2.83
N MET A 36 18.39 5.61 1.84
N MET A 36 18.39 5.61 1.84
CA MET A 36 17.85 5.85 0.50
CA MET A 36 17.88 5.87 0.50
C MET A 36 18.74 5.19 -0.54
C MET A 36 18.75 5.14 -0.52
N ASP A 37 18.10 4.58 -1.53
CA ASP A 37 18.79 3.91 -2.62
C ASP A 37 18.06 4.26 -3.92
N TYR A 38 18.74 4.05 -5.05
CA TYR A 38 18.21 4.48 -6.34
C TYR A 38 18.43 3.39 -7.37
N PHE A 39 17.43 3.19 -8.23
CA PHE A 39 17.51 2.18 -9.28
C PHE A 39 16.47 2.51 -10.35
N ASP A 40 16.40 1.63 -11.35
CA ASP A 40 15.40 1.73 -12.40
C ASP A 40 14.56 0.46 -12.41
N GLY A 41 13.32 0.60 -12.88
CA GLY A 41 12.45 -0.57 -13.00
C GLY A 41 11.14 -0.21 -13.65
N VAL A 42 10.28 -1.22 -13.74
CA VAL A 42 8.92 -1.07 -14.25
C VAL A 42 7.99 -1.29 -13.09
N LEU A 43 7.01 -0.40 -12.93
CA LEU A 43 6.03 -0.48 -11.86
C LEU A 43 4.68 -0.89 -12.43
N MET A 44 3.91 -1.59 -11.59
N MET A 44 3.91 -1.60 -11.61
CA MET A 44 2.58 -2.05 -11.94
CA MET A 44 2.57 -2.04 -11.97
C MET A 44 1.65 -1.80 -10.78
C MET A 44 1.64 -1.82 -10.79
N PHE A 45 0.55 -1.10 -11.03
CA PHE A 45 -0.44 -0.79 -10.00
C PHE A 45 -1.75 -1.40 -10.44
N VAL A 46 -2.28 -2.31 -9.64
CA VAL A 46 -3.50 -3.05 -9.95
C VAL A 46 -4.60 -2.54 -9.02
N ASP A 47 -5.56 -1.78 -9.57
CA ASP A 47 -6.72 -1.35 -8.81
C ASP A 47 -7.69 -2.50 -8.69
N ILE A 48 -8.01 -2.87 -7.45
CA ILE A 48 -8.83 -4.04 -7.15
C ILE A 48 -10.20 -3.63 -6.64
N SER A 49 -10.57 -2.36 -6.73
CA SER A 49 -11.79 -1.88 -6.07
C SER A 49 -13.00 -2.68 -6.53
N GLY A 50 -13.88 -2.97 -5.58
CA GLY A 50 -14.47 -4.27 -5.44
C GLY A 50 -14.01 -4.94 -4.16
N PHE A 51 -13.02 -4.33 -3.50
CA PHE A 51 -12.63 -4.64 -2.15
C PHE A 51 -13.40 -3.75 -1.18
N THR A 52 -13.30 -2.44 -1.35
CA THR A 52 -14.06 -1.47 -0.55
C THR A 52 -15.50 -1.34 -1.02
N ALA A 53 -15.81 -1.85 -2.21
CA ALA A 53 -17.21 -1.97 -2.62
C ALA A 53 -17.88 -3.12 -1.89
N MET A 54 -17.24 -4.29 -1.90
CA MET A 54 -17.86 -5.51 -1.40
C MET A 54 -17.82 -5.60 0.12
N THR A 55 -16.83 -4.98 0.75
CA THR A 55 -16.64 -5.16 2.20
C THR A 55 -17.92 -4.85 2.96
N GLU A 56 -18.66 -3.83 2.54
CA GLU A 56 -19.85 -3.43 3.28
C GLU A 56 -21.05 -4.33 2.97
N LYS A 57 -21.01 -5.11 1.90
CA LYS A 57 -22.03 -6.15 1.73
C LYS A 57 -21.90 -7.23 2.80
N PHE A 58 -20.66 -7.60 3.15
CA PHE A 58 -20.40 -8.66 4.10
C PHE A 58 -20.59 -8.23 5.54
N SER A 59 -20.87 -6.95 5.78
CA SER A 59 -21.19 -6.48 7.13
C SER A 59 -22.63 -6.80 7.53
N SER A 60 -23.43 -7.34 6.62
CA SER A 60 -24.84 -7.56 6.88
C SER A 60 -25.06 -8.85 7.65
N ALA A 61 -26.24 -8.95 8.26
CA ALA A 61 -26.57 -10.11 9.06
C ALA A 61 -26.74 -11.36 8.22
N MET A 62 -26.88 -11.23 6.90
CA MET A 62 -27.00 -12.40 6.04
C MET A 62 -25.84 -13.36 6.26
N TYR A 63 -24.65 -12.83 6.59
CA TYR A 63 -23.45 -13.65 6.74
C TYR A 63 -23.28 -14.21 8.15
N MET A 64 -24.25 -13.98 9.02
CA MET A 64 -24.36 -14.69 10.30
C MET A 64 -23.06 -14.67 11.10
N ASP A 65 -22.51 -13.47 11.28
CA ASP A 65 -21.32 -13.22 12.10
C ASP A 65 -20.04 -13.85 11.54
N ARG A 66 -20.08 -14.44 10.35
CA ARG A 66 -18.88 -14.90 9.67
C ARG A 66 -18.54 -14.03 8.46
N GLY A 67 -18.99 -12.78 8.47
CA GLY A 67 -18.73 -11.90 7.33
C GLY A 67 -17.24 -11.69 7.10
N ALA A 68 -16.48 -11.46 8.18
CA ALA A 68 -15.04 -11.24 8.02
C ALA A 68 -14.39 -12.47 7.41
N GLU A 69 -14.76 -13.66 7.92
CA GLU A 69 -14.14 -14.89 7.44
C GLU A 69 -14.51 -15.16 5.99
N GLN A 70 -15.74 -14.86 5.61
CA GLN A 70 -16.16 -15.02 4.23
C GLN A 70 -15.48 -14.01 3.31
N LEU A 71 -15.32 -12.76 3.78
CA LEU A 71 -14.72 -11.72 2.95
C LEU A 71 -13.25 -12.02 2.68
N VAL A 72 -12.49 -12.34 3.73
CA VAL A 72 -11.07 -12.63 3.56
C VAL A 72 -10.91 -13.80 2.59
N GLU A 73 -11.81 -14.77 2.70
CA GLU A 73 -11.73 -15.97 1.87
C GLU A 73 -11.86 -15.62 0.38
N ILE A 74 -12.95 -14.95 0.02
CA ILE A 74 -13.19 -14.67 -1.38
C ILE A 74 -12.21 -13.64 -1.90
N LEU A 75 -11.81 -12.68 -1.05
CA LEU A 75 -10.82 -11.68 -1.47
C LEU A 75 -9.49 -12.36 -1.80
N ASN A 76 -9.02 -13.22 -0.90
CA ASN A 76 -7.75 -13.90 -1.14
C ASN A 76 -7.83 -14.82 -2.33
N TYR A 77 -9.00 -15.41 -2.57
CA TYR A 77 -9.18 -16.21 -3.78
C TYR A 77 -8.79 -15.41 -5.02
N HIS A 78 -9.31 -14.20 -5.13
CA HIS A 78 -9.03 -13.38 -6.30
C HIS A 78 -7.66 -12.72 -6.23
N ILE A 79 -7.29 -12.21 -5.06
CA ILE A 79 -6.00 -11.53 -4.92
C ILE A 79 -4.85 -12.49 -5.16
N SER A 80 -4.91 -13.67 -4.53
CA SER A 80 -3.81 -14.63 -4.68
C SER A 80 -3.61 -15.01 -6.16
N ALA A 81 -4.67 -15.04 -6.96
CA ALA A 81 -4.51 -15.33 -8.38
C ALA A 81 -3.72 -14.23 -9.08
N ILE A 82 -4.02 -12.97 -8.75
CA ILE A 82 -3.23 -11.87 -9.27
C ILE A 82 -1.78 -12.00 -8.83
N VAL A 83 -1.56 -12.35 -7.57
CA VAL A 83 -0.22 -12.43 -7.04
C VAL A 83 0.58 -13.51 -7.74
N GLU A 84 -0.04 -14.69 -7.96
CA GLU A 84 0.65 -15.76 -8.68
C GLU A 84 1.13 -15.27 -10.04
N LYS A 85 0.25 -14.57 -10.77
CA LYS A 85 0.62 -14.07 -12.09
C LYS A 85 1.83 -13.14 -11.99
N VAL A 86 1.77 -12.19 -11.06
CA VAL A 86 2.88 -11.25 -10.89
C VAL A 86 4.18 -12.02 -10.62
N LEU A 87 4.10 -13.00 -9.71
CA LEU A 87 5.30 -13.69 -9.27
C LEU A 87 5.91 -14.53 -10.41
N ILE A 88 5.07 -15.29 -11.12
CA ILE A 88 5.62 -16.14 -12.16
C ILE A 88 6.18 -15.34 -13.33
N PHE A 89 5.71 -14.11 -13.53
CA PHE A 89 6.28 -13.20 -14.51
C PHE A 89 7.48 -12.44 -13.97
N GLY A 90 7.95 -12.78 -12.76
CA GLY A 90 9.16 -12.19 -12.20
C GLY A 90 8.99 -10.91 -11.40
N GLY A 91 7.76 -10.49 -11.13
CA GLY A 91 7.54 -9.25 -10.40
C GLY A 91 7.72 -9.40 -8.91
N ASP A 92 7.91 -8.26 -8.24
CA ASP A 92 8.05 -8.20 -6.79
C ASP A 92 6.92 -7.36 -6.24
N ILE A 93 6.02 -7.98 -5.47
CA ILE A 93 4.87 -7.24 -4.94
C ILE A 93 5.34 -6.43 -3.74
N LEU A 94 5.26 -5.09 -3.87
CA LEU A 94 5.82 -4.23 -2.84
C LEU A 94 4.87 -4.08 -1.65
N LYS A 95 3.60 -3.79 -1.92
CA LYS A 95 2.64 -3.55 -0.84
C LYS A 95 1.22 -3.86 -1.31
N PHE A 96 0.39 -4.23 -0.35
CA PHE A 96 -1.05 -4.34 -0.51
C PHE A 96 -1.69 -3.18 0.22
N ALA A 97 -2.78 -2.63 -0.35
CA ALA A 97 -3.42 -1.48 0.28
C ALA A 97 -4.93 -1.51 0.18
N GLY A 98 -5.53 -2.68 0.10
CA GLY A 98 -7.00 -2.71 0.17
C GLY A 98 -7.73 -2.32 -1.08
N ASP A 99 -7.29 -1.25 -1.75
CA ASP A 99 -7.79 -0.87 -3.06
C ASP A 99 -6.86 -1.27 -4.19
N ALA A 100 -5.66 -1.79 -3.89
CA ALA A 100 -4.72 -2.15 -4.95
C ALA A 100 -3.50 -2.87 -4.39
N LEU A 101 -2.66 -3.35 -5.30
CA LEU A 101 -1.31 -3.77 -4.97
C LEU A 101 -0.36 -3.14 -5.98
N LEU A 102 0.86 -2.87 -5.51
CA LEU A 102 1.92 -2.26 -6.31
C LEU A 102 3.04 -3.27 -6.46
N ALA A 103 3.46 -3.48 -7.69
CA ALA A 103 4.51 -4.45 -8.01
C ALA A 103 5.65 -3.77 -8.75
N LEU A 104 6.84 -4.35 -8.64
CA LEU A 104 8.07 -3.78 -9.17
C LEU A 104 8.88 -4.83 -9.92
N TRP A 105 9.32 -4.48 -11.11
CA TRP A 105 10.32 -5.23 -11.86
C TRP A 105 11.56 -4.33 -11.88
N ARG A 106 12.50 -4.61 -10.98
CA ARG A 106 13.78 -3.88 -10.93
C ARG A 106 14.78 -4.49 -11.92
N VAL A 107 15.33 -3.67 -12.82
CA VAL A 107 16.29 -4.12 -13.81
C VAL A 107 17.16 -2.95 -14.22
N GLU A 108 18.32 -3.26 -14.82
CA GLU A 108 19.18 -2.24 -15.40
C GLU A 108 18.43 -1.52 -16.53
N ARG A 109 18.80 -0.25 -16.73
CA ARG A 109 18.09 0.59 -17.69
C ARG A 109 18.09 -0.02 -19.08
N LYS A 110 19.19 -0.66 -19.48
CA LYS A 110 19.26 -1.23 -20.81
C LYS A 110 18.21 -2.31 -21.04
N GLN A 111 17.64 -2.86 -19.99
CA GLN A 111 16.70 -3.97 -20.11
C GLN A 111 15.25 -3.54 -19.92
N LEU A 112 14.98 -2.26 -19.66
CA LEU A 112 13.61 -1.86 -19.40
C LEU A 112 12.71 -2.12 -20.60
N LYS A 113 13.25 -1.95 -21.81
CA LYS A 113 12.45 -2.15 -23.01
C LYS A 113 11.88 -3.56 -23.06
N ASN A 114 12.75 -4.56 -22.85
CA ASN A 114 12.28 -5.94 -22.90
C ASN A 114 11.37 -6.25 -21.73
N ILE A 115 11.68 -5.72 -20.54
CA ILE A 115 10.90 -6.05 -19.34
C ILE A 115 9.49 -5.47 -19.45
N ILE A 116 9.36 -4.28 -20.07
CA ILE A 116 8.04 -3.69 -20.23
C ILE A 116 7.13 -4.64 -20.99
N THR A 117 7.69 -5.36 -21.96
CA THR A 117 6.88 -6.34 -22.69
C THR A 117 6.46 -7.49 -21.79
N VAL A 118 7.37 -7.97 -20.95
CA VAL A 118 7.00 -9.01 -19.99
C VAL A 118 5.86 -8.53 -19.11
N VAL A 119 5.97 -7.29 -18.62
CA VAL A 119 4.98 -6.78 -17.68
C VAL A 119 3.65 -6.54 -18.37
N ILE A 120 3.67 -6.15 -19.63
CA ILE A 120 2.43 -5.99 -20.39
C ILE A 120 1.75 -7.35 -20.57
N LYS A 121 2.51 -8.38 -20.97
CA LYS A 121 1.92 -9.71 -21.06
C LYS A 121 1.34 -10.14 -19.72
N CYS A 122 2.10 -9.92 -18.64
CA CYS A 122 1.59 -10.21 -17.30
C CYS A 122 0.26 -9.49 -17.06
N SER A 123 0.21 -8.20 -17.39
CA SER A 123 -1.00 -7.41 -17.15
C SER A 123 -2.18 -7.96 -17.94
N LEU A 124 -1.92 -8.45 -19.16
CA LEU A 124 -3.00 -8.97 -20.00
C LEU A 124 -3.49 -10.31 -19.47
N GLU A 125 -2.59 -11.15 -19.00
CA GLU A 125 -3.01 -12.41 -18.38
C GLU A 125 -3.74 -12.17 -17.06
N ILE A 126 -3.50 -11.04 -16.40
CA ILE A 126 -4.22 -10.76 -15.16
C ILE A 126 -5.68 -10.40 -15.47
N HIS A 127 -5.90 -9.57 -16.49
CA HIS A 127 -7.25 -9.35 -16.97
C HIS A 127 -7.88 -10.65 -17.46
N GLY A 128 -7.09 -11.56 -18.02
CA GLY A 128 -7.63 -12.84 -18.45
C GLY A 128 -8.28 -13.63 -17.33
N LEU A 129 -7.74 -13.50 -16.12
CA LEU A 129 -8.32 -14.21 -14.99
C LEU A 129 -9.75 -13.80 -14.73
N PHE A 130 -10.13 -12.59 -15.15
CA PHE A 130 -11.44 -12.03 -14.82
C PHE A 130 -12.30 -11.76 -16.05
N GLU A 131 -12.02 -12.39 -17.17
CA GLU A 131 -12.79 -12.13 -18.38
C GLU A 131 -14.10 -12.90 -18.37
N ASP A 140 -18.58 -9.32 -13.19
CA ASP A 140 -18.67 -8.30 -12.15
C ASP A 140 -17.27 -7.96 -11.62
N ILE A 141 -16.49 -8.98 -11.33
CA ILE A 141 -15.15 -8.81 -10.76
C ILE A 141 -14.20 -8.47 -11.89
N ARG A 142 -13.71 -7.23 -11.92
CA ARG A 142 -12.72 -6.78 -12.89
C ARG A 142 -11.72 -5.86 -12.20
N VAL A 143 -10.60 -5.60 -12.87
CA VAL A 143 -9.53 -4.79 -12.32
C VAL A 143 -9.08 -3.77 -13.36
N LYS A 144 -8.28 -2.81 -12.90
CA LYS A 144 -7.67 -1.80 -13.75
C LYS A 144 -6.18 -1.74 -13.46
N ILE A 145 -5.36 -1.58 -14.50
CA ILE A 145 -3.92 -1.69 -14.36
C ILE A 145 -3.25 -0.46 -14.97
N GLY A 146 -2.32 0.14 -14.21
CA GLY A 146 -1.44 1.17 -14.72
C GLY A 146 -0.01 0.68 -14.68
N LEU A 147 0.79 1.10 -15.67
CA LEU A 147 2.19 0.73 -15.74
C LEU A 147 3.05 1.97 -15.96
N ALA A 148 4.21 2.02 -15.31
CA ALA A 148 5.17 3.10 -15.51
C ALA A 148 6.58 2.51 -15.48
N ALA A 149 7.53 3.27 -16.02
CA ALA A 149 8.92 2.84 -16.10
C ALA A 149 9.83 4.05 -16.00
N GLY A 150 10.98 3.87 -15.37
CA GLY A 150 11.96 4.92 -15.24
C GLY A 150 12.70 4.79 -13.92
N HIS A 151 13.26 5.93 -13.48
CA HIS A 151 14.02 5.96 -12.25
C HIS A 151 13.10 5.81 -11.04
N ILE A 152 13.61 5.13 -10.02
CA ILE A 152 12.86 4.88 -8.79
C ILE A 152 13.78 5.07 -7.61
N SER A 153 13.28 5.76 -6.58
CA SER A 153 13.99 5.96 -5.34
C SER A 153 13.32 5.15 -4.23
N MET A 154 14.11 4.46 -3.43
CA MET A 154 13.60 3.73 -2.28
C MET A 154 13.98 4.47 -1.00
N LEU A 155 13.01 4.61 -0.10
CA LEU A 155 13.23 5.24 1.19
C LEU A 155 12.94 4.21 2.26
N VAL A 156 13.88 4.03 3.18
CA VAL A 156 13.67 3.25 4.39
C VAL A 156 13.80 4.19 5.58
N PHE A 157 12.77 4.19 6.43
CA PHE A 157 12.77 4.99 7.64
C PHE A 157 12.22 4.16 8.80
N GLY A 158 12.54 4.59 10.01
CA GLY A 158 12.09 3.92 11.20
C GLY A 158 13.02 4.21 12.37
N ASP A 159 12.77 3.49 13.44
CA ASP A 159 13.57 3.61 14.65
C ASP A 159 14.24 2.26 14.91
N GLU A 160 14.81 2.12 16.10
CA GLU A 160 15.65 0.97 16.41
C GLU A 160 14.88 -0.34 16.40
N THR A 161 13.56 -0.32 16.43
CA THR A 161 12.77 -1.54 16.48
C THR A 161 11.70 -1.62 15.40
N HIS A 162 11.49 -0.57 14.60
CA HIS A 162 10.45 -0.55 13.57
C HIS A 162 11.05 0.00 12.30
N SER A 163 10.68 -0.60 11.16
CA SER A 163 11.13 -0.14 9.87
C SER A 163 9.95 -0.02 8.91
N HIS A 164 10.03 0.96 8.01
CA HIS A 164 9.05 1.19 6.97
C HIS A 164 9.81 1.53 5.69
N PHE A 165 9.15 1.30 4.55
CA PHE A 165 9.77 1.65 3.27
C PHE A 165 8.74 2.21 2.31
N LEU A 166 9.26 2.95 1.34
CA LEU A 166 8.48 3.56 0.29
C LEU A 166 9.33 3.61 -0.97
N VAL A 167 8.68 3.57 -2.12
CA VAL A 167 9.33 3.92 -3.39
C VAL A 167 8.85 5.31 -3.76
N ILE A 168 9.76 6.12 -4.31
CA ILE A 168 9.50 7.53 -4.59
C ILE A 168 10.08 7.85 -5.95
N GLY A 169 9.47 8.83 -6.61
CA GLY A 169 9.96 9.27 -7.91
C GLY A 169 8.87 9.51 -8.92
N GLN A 170 9.24 10.00 -10.11
CA GLN A 170 8.25 10.29 -11.14
C GLN A 170 7.63 9.00 -11.66
N ALA A 171 8.43 7.95 -11.81
CA ALA A 171 7.87 6.64 -12.18
C ALA A 171 6.74 6.23 -11.24
N VAL A 172 6.90 6.52 -9.95
CA VAL A 172 5.81 6.29 -9.00
C VAL A 172 4.62 7.18 -9.30
N ASP A 173 4.85 8.49 -9.42
CA ASP A 173 3.74 9.37 -9.76
C ASP A 173 3.16 9.04 -11.12
N ASP A 174 4.00 8.57 -12.06
CA ASP A 174 3.50 8.19 -13.38
C ASP A 174 2.51 7.04 -13.28
N VAL A 175 2.83 6.00 -12.50
CA VAL A 175 1.94 4.86 -12.38
C VAL A 175 0.70 5.26 -11.60
N ARG A 176 0.81 6.28 -10.75
CA ARG A 176 -0.37 6.83 -10.08
C ARG A 176 -1.37 7.30 -11.12
N LEU A 177 -0.94 8.13 -12.05
CA LEU A 177 -1.88 8.74 -12.99
C LEU A 177 -2.34 7.77 -14.06
N ALA A 178 -1.45 6.87 -14.52
CA ALA A 178 -1.89 5.81 -15.43
C ALA A 178 -3.00 5.00 -14.79
N GLN A 179 -2.90 4.75 -13.48
CA GLN A 179 -3.95 4.01 -12.78
C GLN A 179 -5.29 4.73 -12.92
N ASN A 180 -5.34 6.01 -12.55
CA ASN A 180 -6.63 6.69 -12.43
C ASN A 180 -7.32 6.91 -13.76
N MET A 181 -6.65 6.71 -14.89
CA MET A 181 -7.32 6.79 -16.18
C MET A 181 -8.03 5.50 -16.54
N ALA A 182 -7.46 4.37 -16.14
CA ALA A 182 -7.98 3.08 -16.58
C ALA A 182 -9.42 2.86 -16.12
N GLN A 183 -10.19 2.19 -16.97
CA GLN A 183 -11.45 1.56 -16.60
C GLN A 183 -11.24 0.05 -16.50
N MET A 184 -12.28 -0.65 -16.06
CA MET A 184 -12.21 -2.11 -15.97
C MET A 184 -11.64 -2.65 -17.27
N ASN A 185 -10.66 -3.54 -17.15
CA ASN A 185 -10.01 -4.28 -18.21
C ASN A 185 -8.94 -3.46 -18.92
N ASP A 186 -8.65 -2.23 -18.49
CA ASP A 186 -7.69 -1.39 -19.19
C ASP A 186 -6.25 -1.63 -18.72
N VAL A 187 -5.31 -1.39 -19.63
CA VAL A 187 -3.89 -1.37 -19.32
C VAL A 187 -3.35 -0.07 -19.88
N ILE A 188 -2.98 0.87 -19.00
CA ILE A 188 -2.53 2.19 -19.38
C ILE A 188 -1.03 2.27 -19.17
N LEU A 189 -0.31 2.74 -20.19
CA LEU A 189 1.14 2.94 -20.12
C LEU A 189 1.46 4.40 -19.84
N SER A 190 2.40 4.62 -18.93
CA SER A 190 2.89 5.96 -18.66
C SER A 190 3.53 6.55 -19.93
N PRO A 191 3.50 7.86 -20.09
CA PRO A 191 4.19 8.46 -21.25
C PRO A 191 5.64 7.99 -21.37
N ASN A 192 6.38 7.94 -20.25
CA ASN A 192 7.76 7.46 -20.31
C ASN A 192 7.80 5.96 -20.61
N CYS A 193 6.90 5.19 -20.02
CA CYS A 193 6.80 3.78 -20.36
C CYS A 193 6.54 3.59 -21.86
N TRP A 194 5.62 4.37 -22.43
CA TRP A 194 5.36 4.29 -23.86
C TRP A 194 6.58 4.64 -24.68
N GLN A 195 7.38 5.60 -24.21
CA GLN A 195 8.51 6.03 -25.00
C GLN A 195 9.74 5.15 -24.80
N LEU A 196 9.77 4.33 -23.75
CA LEU A 196 10.85 3.39 -23.56
C LEU A 196 10.51 1.99 -24.07
N CYS A 197 9.24 1.72 -24.36
CA CYS A 197 8.82 0.37 -24.68
C CYS A 197 9.16 0.02 -26.13
N ASP A 198 8.93 -1.25 -26.47
CA ASP A 198 9.12 -1.75 -27.84
C ASP A 198 7.85 -1.48 -28.65
N ARG A 199 7.78 -0.26 -29.18
CA ARG A 199 6.58 0.17 -29.93
C ARG A 199 6.32 -0.71 -31.14
N SER A 200 7.35 -1.38 -31.68
CA SER A 200 7.15 -2.30 -32.78
C SER A 200 6.25 -3.47 -32.41
N MET A 201 5.95 -3.65 -31.13
CA MET A 201 5.26 -4.82 -30.63
C MET A 201 3.99 -4.50 -29.84
N ILE A 202 3.76 -3.23 -29.51
CA ILE A 202 2.65 -2.83 -28.65
C ILE A 202 1.73 -1.93 -29.47
N GLU A 203 0.48 -2.33 -29.61
CA GLU A 203 -0.53 -1.56 -30.31
C GLU A 203 -1.31 -0.73 -29.28
N ILE A 204 -1.27 0.59 -29.43
CA ILE A 204 -1.82 1.51 -28.45
C ILE A 204 -2.98 2.30 -29.03
N GLU A 205 -3.60 3.14 -28.20
CA GLU A 205 -4.56 4.14 -28.66
C GLU A 205 -4.48 5.34 -27.74
N SER A 206 -4.92 6.49 -28.26
CA SER A 206 -4.93 7.72 -27.51
C SER A 206 -5.78 7.59 -26.25
N VAL A 207 -5.50 8.45 -25.28
CA VAL A 207 -6.38 8.70 -24.14
C VAL A 207 -6.71 10.20 -24.19
N PRO A 208 -7.99 10.58 -24.27
CA PRO A 208 -8.32 11.99 -24.55
C PRO A 208 -7.57 13.02 -23.71
N ASP A 209 -6.80 13.87 -24.41
CA ASP A 209 -6.00 14.93 -23.81
C ASP A 209 -5.24 14.47 -22.58
N GLN A 210 -4.74 13.23 -22.59
CA GLN A 210 -3.72 12.76 -21.68
C GLN A 210 -2.64 12.10 -22.53
N ARG A 211 -1.38 12.31 -22.14
CA ARG A 211 -0.27 11.78 -22.91
C ARG A 211 -0.02 10.28 -22.67
N ALA A 212 -0.60 9.70 -21.62
CA ALA A 212 -0.56 8.26 -21.46
C ALA A 212 -1.25 7.58 -22.64
N VAL A 213 -1.08 6.27 -22.73
CA VAL A 213 -1.70 5.48 -23.79
C VAL A 213 -2.27 4.21 -23.20
N LYS A 214 -3.32 3.70 -23.84
CA LYS A 214 -3.95 2.43 -23.49
C LYS A 214 -3.43 1.34 -24.41
N VAL A 215 -3.11 0.18 -23.83
CA VAL A 215 -2.66 -0.96 -24.61
C VAL A 215 -3.87 -1.70 -25.15
N ASN A 216 -3.90 -1.91 -26.47
CA ASN A 216 -4.96 -2.66 -27.11
C ASN A 216 -4.56 -4.11 -27.38
N PHE A 217 -3.38 -4.32 -27.94
CA PHE A 217 -2.96 -5.66 -28.30
C PHE A 217 -1.45 -5.79 -28.17
N LEU A 218 -1.01 -7.02 -27.92
CA LEU A 218 0.39 -7.42 -27.97
C LEU A 218 0.54 -8.26 -29.23
N LYS A 219 1.14 -7.67 -30.27
CA LYS A 219 1.29 -8.31 -31.57
C LYS A 219 2.77 -8.50 -31.86
N PRO A 220 3.35 -9.64 -31.48
CA PRO A 220 4.81 -9.83 -31.68
C PRO A 220 5.13 -10.29 -33.08
N PRO A 221 6.40 -10.23 -33.48
CA PRO A 221 6.78 -10.65 -34.83
C PRO A 221 6.41 -12.11 -35.05
N PRO A 222 6.32 -12.54 -36.32
CA PRO A 222 6.03 -13.96 -36.58
C PRO A 222 7.04 -14.90 -35.95
N ASN A 223 8.28 -14.46 -35.80
CA ASN A 223 9.35 -15.27 -35.25
C ASN A 223 9.32 -15.40 -33.73
N PHE A 224 8.52 -14.59 -33.05
CA PHE A 224 8.68 -14.35 -31.63
C PHE A 224 7.98 -15.42 -30.81
N ASN A 225 8.73 -16.04 -29.90
CA ASN A 225 8.19 -16.98 -28.93
C ASN A 225 8.38 -16.40 -27.52
N PHE A 226 7.27 -16.09 -26.86
CA PHE A 226 7.37 -15.39 -25.57
C PHE A 226 8.11 -16.22 -24.53
N ASP A 227 7.85 -17.53 -24.49
CA ASP A 227 8.49 -18.38 -23.48
C ASP A 227 10.00 -18.27 -23.58
N GLU A 228 10.55 -18.43 -24.79
CA GLU A 228 11.97 -18.24 -24.99
C GLU A 228 12.38 -16.81 -24.63
N PHE A 229 11.59 -15.83 -25.07
CA PHE A 229 11.87 -14.45 -24.72
C PHE A 229 11.90 -14.26 -23.20
N PHE A 230 10.89 -14.79 -22.52
CA PHE A 230 10.82 -14.58 -21.08
C PHE A 230 12.00 -15.21 -20.37
N THR A 231 12.35 -16.45 -20.75
CA THR A 231 13.46 -17.13 -20.10
C THR A 231 14.75 -16.33 -20.22
N LYS A 232 15.02 -15.76 -21.40
CA LYS A 232 16.21 -14.94 -21.53
C LYS A 232 16.11 -13.70 -20.66
N CYS A 233 14.90 -13.15 -20.49
CA CYS A 233 14.74 -11.99 -19.62
C CYS A 233 15.03 -12.35 -18.16
N THR A 234 14.68 -13.57 -17.74
CA THR A 234 14.99 -13.97 -16.37
C THR A 234 16.48 -13.92 -16.09
N THR A 235 17.33 -13.95 -17.13
CA THR A 235 18.75 -13.76 -16.95
C THR A 235 19.05 -12.55 -16.09
N PHE A 236 18.21 -11.50 -16.22
CA PHE A 236 18.45 -10.21 -15.60
C PHE A 236 17.70 -10.04 -14.28
N MET A 237 17.03 -11.10 -13.82
CA MET A 237 16.19 -11.04 -12.63
C MET A 237 17.01 -11.61 -11.47
N HIS A 238 17.56 -10.69 -10.65
CA HIS A 238 18.42 -11.15 -9.56
C HIS A 238 17.65 -11.87 -8.51
N TYR A 239 16.36 -12.26 -8.49
CA TYR A 239 15.89 -13.28 -7.55
C TYR A 239 14.85 -14.23 -8.16
N TYR A 240 14.84 -14.45 -9.49
CA TYR A 240 13.86 -15.38 -10.06
C TYR A 240 14.21 -16.83 -9.72
N PRO A 241 13.27 -17.61 -9.19
CA PRO A 241 13.60 -18.99 -8.81
C PRO A 241 13.90 -19.84 -10.03
N SER A 242 14.95 -20.67 -9.92
CA SER A 242 15.41 -21.48 -11.04
C SER A 242 16.09 -22.74 -10.53
N GLY A 243 16.48 -23.61 -11.47
CA GLY A 243 17.28 -24.78 -11.10
C GLY A 243 16.45 -25.70 -10.23
N GLU A 244 17.04 -26.19 -9.13
CA GLU A 244 16.26 -27.06 -8.25
C GLU A 244 15.03 -26.35 -7.73
N HIS A 245 15.06 -25.00 -7.68
CA HIS A 245 13.92 -24.23 -7.16
C HIS A 245 13.06 -23.63 -8.26
N LYS A 246 12.98 -24.30 -9.40
CA LYS A 246 12.27 -23.78 -10.57
C LYS A 246 10.79 -23.62 -10.28
N ASN A 247 10.23 -24.47 -9.44
CA ASN A 247 8.78 -24.48 -9.20
C ASN A 247 8.35 -23.75 -7.92
N LEU A 248 9.23 -22.94 -7.34
CA LEU A 248 8.87 -22.10 -6.21
C LEU A 248 8.37 -20.76 -6.74
N LEU A 249 7.35 -20.22 -6.07
CA LEU A 249 6.86 -18.89 -6.43
C LEU A 249 7.79 -17.78 -5.96
N ARG A 250 8.58 -18.03 -4.92
CA ARG A 250 9.49 -17.04 -4.36
C ARG A 250 10.74 -17.75 -3.86
N LEU A 251 11.89 -17.19 -4.21
CA LEU A 251 13.14 -17.62 -3.59
C LEU A 251 13.10 -17.45 -2.08
N ALA A 252 12.26 -16.54 -1.59
CA ALA A 252 12.17 -16.30 -0.17
C ALA A 252 11.74 -17.54 0.62
N CME A 253 10.83 -18.35 0.07
CA CME A 253 10.66 -19.68 0.62
CB CME A 253 9.74 -20.56 -0.31
SG CME A 253 8.31 -19.76 -1.02
SD CME A 253 7.32 -18.90 0.65
CE CME A 253 8.25 -17.46 1.04
CZ CME A 253 7.41 -16.40 1.76
OH CME A 253 6.59 -17.14 2.68
C CME A 253 11.82 -20.58 0.97
O CME A 253 11.67 -21.46 1.84
H CME A 253 10.04 -18.04 -0.47
HA CME A 253 10.30 -19.41 1.66
HB2 CME A 253 9.40 -21.44 0.30
HB3 CME A 253 10.38 -20.95 -1.14
HE2 CME A 253 8.66 -17.09 0.06
HE3 CME A 253 9.12 -17.82 1.66
HZ2 CME A 253 6.77 -15.83 1.03
HZ3 CME A 253 8.06 -15.68 2.33
HH CME A 253 6.03 -17.73 2.15
N THR A 254 12.98 -20.31 0.38
CA THR A 254 14.14 -21.10 0.70
C THR A 254 15.01 -20.51 1.79
N LEU A 255 14.59 -19.39 2.36
CA LEU A 255 15.40 -18.74 3.38
C LEU A 255 15.60 -19.64 4.58
N LYS A 256 16.83 -19.67 5.11
CA LYS A 256 17.18 -20.46 6.27
C LYS A 256 17.43 -19.58 7.48
N PRO A 257 17.34 -20.13 8.69
CA PRO A 257 17.50 -19.31 9.90
C PRO A 257 18.78 -18.49 9.89
N ASP A 258 18.67 -17.26 10.33
CA ASP A 258 19.73 -16.26 10.27
C ASP A 258 19.33 -15.17 11.25
N PRO A 259 19.73 -15.27 12.52
CA PRO A 259 19.26 -14.30 13.53
C PRO A 259 19.41 -12.84 13.10
N GLU A 260 20.55 -12.46 12.53
CA GLU A 260 20.76 -11.07 12.15
C GLU A 260 19.78 -10.63 11.07
N LEU A 261 19.53 -11.48 10.08
CA LEU A 261 18.57 -11.11 9.04
C LEU A 261 17.15 -11.07 9.62
N GLU A 262 16.79 -12.07 10.43
CA GLU A 262 15.43 -12.09 10.97
C GLU A 262 15.18 -10.86 11.84
N MET A 263 16.18 -10.49 12.64
CA MET A 263 16.11 -9.27 13.45
C MET A 263 15.71 -8.07 12.60
N SER A 264 16.37 -7.91 11.45
CA SER A 264 16.06 -6.78 10.58
C SER A 264 14.66 -6.91 9.97
N LEU A 265 14.29 -8.11 9.53
CA LEU A 265 13.03 -8.24 8.81
C LEU A 265 11.82 -8.06 9.74
N GLN A 266 11.92 -8.56 10.97
CA GLN A 266 10.78 -8.49 11.86
C GLN A 266 10.44 -7.04 12.24
N LYS A 267 11.39 -6.12 12.11
CA LYS A 267 11.10 -4.71 12.37
C LYS A 267 10.03 -4.17 11.43
N TYR A 268 9.80 -4.83 10.29
CA TYR A 268 8.84 -4.34 9.33
C TYR A 268 7.43 -4.86 9.60
N VAL A 269 7.26 -5.77 10.54
CA VAL A 269 5.98 -6.48 10.71
C VAL A 269 5.38 -6.13 12.05
N MET A 270 4.06 -5.94 12.06
N MET A 270 4.06 -5.91 12.05
CA MET A 270 3.33 -5.62 13.27
CA MET A 270 3.36 -5.58 13.29
C MET A 270 3.46 -6.73 14.31
C MET A 270 3.53 -6.71 14.30
N GLU A 271 3.60 -6.34 15.57
CA GLU A 271 3.86 -7.31 16.63
C GLU A 271 2.78 -8.39 16.69
N SER A 272 1.52 -8.02 16.51
CA SER A 272 0.45 -9.02 16.59
C SER A 272 0.62 -10.05 15.47
N ILE A 273 1.11 -9.61 14.31
CA ILE A 273 1.40 -10.56 13.24
C ILE A 273 2.51 -11.50 13.65
N LEU A 274 3.54 -10.97 14.32
CA LEU A 274 4.65 -11.81 14.75
C LEU A 274 4.19 -12.90 15.71
N LYS A 275 3.26 -12.57 16.61
CA LYS A 275 2.74 -13.56 17.54
C LYS A 275 2.04 -14.69 16.78
N GLN A 276 1.29 -14.36 15.73
CA GLN A 276 0.68 -15.40 14.92
C GLN A 276 1.75 -16.25 14.24
N ILE A 277 2.77 -15.61 13.66
CA ILE A 277 3.86 -16.34 13.03
C ILE A 277 4.55 -17.26 14.02
N ASP A 278 4.61 -16.88 15.29
CA ASP A 278 5.25 -17.69 16.32
C ASP A 278 4.30 -18.72 16.93
N ASN A 279 3.12 -18.90 16.35
CA ASN A 279 2.13 -19.86 16.86
C ASN A 279 1.83 -19.61 18.34
N LYS A 280 1.74 -18.35 18.71
CA LYS A 280 1.28 -17.96 20.04
C LYS A 280 -0.07 -17.27 19.97
N GLN A 281 -0.75 -17.37 18.82
CA GLN A 281 -2.05 -16.76 18.59
C GLN A 281 -2.74 -17.56 17.49
N LEU A 282 -4.04 -17.77 17.66
CA LEU A 282 -4.79 -18.52 16.67
C LEU A 282 -4.68 -17.87 15.30
N GLN A 283 -4.45 -18.70 14.27
CA GLN A 283 -4.15 -18.19 12.93
C GLN A 283 -5.32 -17.43 12.31
N GLY A 284 -6.52 -17.60 12.87
CA GLY A 284 -7.69 -16.88 12.40
C GLY A 284 -8.07 -15.71 13.26
N TYR A 285 -7.24 -15.34 14.23
CA TYR A 285 -7.59 -14.29 15.17
C TYR A 285 -7.64 -12.92 14.52
N LEU A 286 -6.89 -12.71 13.44
CA LEU A 286 -6.74 -11.39 12.86
C LEU A 286 -7.73 -11.13 11.72
N SER A 287 -8.58 -12.10 11.38
CA SER A 287 -9.64 -11.89 10.40
C SER A 287 -10.90 -11.48 11.16
N GLU A 288 -11.26 -10.20 11.08
CA GLU A 288 -12.41 -9.73 11.86
C GLU A 288 -12.96 -8.44 11.30
N LEU A 289 -14.27 -8.25 11.51
CA LEU A 289 -14.93 -6.95 11.32
C LEU A 289 -14.96 -6.31 12.70
N ARG A 290 -14.22 -5.22 12.87
CA ARG A 290 -13.90 -4.67 14.18
C ARG A 290 -14.21 -3.18 14.21
N PRO A 291 -14.74 -2.67 15.33
CA PRO A 291 -14.86 -1.20 15.47
C PRO A 291 -13.50 -0.61 15.79
N VAL A 292 -13.05 0.31 14.94
CA VAL A 292 -11.78 0.99 15.12
C VAL A 292 -11.96 2.48 14.83
N THR A 293 -10.89 3.23 15.03
CA THR A 293 -10.81 4.63 14.62
C THR A 293 -9.61 4.75 13.68
N ILE A 294 -9.84 5.22 12.48
CA ILE A 294 -8.79 5.47 11.52
C ILE A 294 -8.30 6.91 11.69
N VAL A 295 -6.99 7.08 11.83
CA VAL A 295 -6.32 8.37 11.81
C VAL A 295 -5.40 8.34 10.59
N PHE A 296 -5.80 9.02 9.54
CA PHE A 296 -5.06 9.06 8.28
C PHE A 296 -4.30 10.38 8.17
N VAL A 297 -3.00 10.31 8.32
CA VAL A 297 -2.13 11.49 8.33
C VAL A 297 -1.53 11.65 6.95
N ASN A 298 -1.55 12.88 6.43
CA ASN A 298 -0.93 13.22 5.16
C ASN A 298 0.10 14.34 5.35
N LEU A 299 1.31 14.13 4.83
CA LEU A 299 2.39 15.10 4.92
C LEU A 299 2.74 15.52 3.49
N MET A 300 2.36 16.73 3.12
CA MET A 300 2.52 17.22 1.75
C MET A 300 3.83 18.00 1.65
N PHE A 301 4.63 17.68 0.65
CA PHE A 301 5.85 18.40 0.32
C PHE A 301 5.65 19.19 -0.97
N GLU A 302 6.59 20.09 -1.24
CA GLU A 302 6.51 20.94 -2.42
C GLU A 302 6.92 20.15 -3.67
N ASP A 303 6.36 20.55 -4.81
CA ASP A 303 6.64 19.86 -6.07
C ASP A 303 8.13 19.82 -6.36
N GLN A 304 8.87 20.85 -5.95
CA GLN A 304 10.29 20.92 -6.31
C GLN A 304 11.17 19.99 -5.47
N ASP A 305 10.67 19.49 -4.35
CA ASP A 305 11.51 18.77 -3.42
C ASP A 305 12.10 17.52 -4.06
N LYS A 306 13.33 17.21 -3.68
CA LYS A 306 14.02 16.00 -4.12
C LYS A 306 13.91 14.94 -3.03
N ALA A 307 14.06 13.67 -3.45
CA ALA A 307 13.91 12.57 -2.51
C ALA A 307 14.89 12.66 -1.35
N GLU A 308 16.04 13.31 -1.56
CA GLU A 308 17.03 13.41 -0.49
C GLU A 308 16.61 14.38 0.59
N GLU A 309 15.71 15.31 0.29
CA GLU A 309 15.12 16.17 1.31
C GLU A 309 13.88 15.54 1.95
N ILE A 310 13.12 14.78 1.16
CA ILE A 310 11.89 14.18 1.67
C ILE A 310 12.20 13.16 2.75
N GLY A 311 13.24 12.35 2.55
CA GLY A 311 13.58 11.29 3.46
C GLY A 311 13.77 11.75 4.89
N PRO A 312 14.68 12.70 5.11
CA PRO A 312 14.89 13.18 6.49
C PRO A 312 13.63 13.76 7.11
N ALA A 313 12.79 14.42 6.31
CA ALA A 313 11.55 14.98 6.85
C ALA A 313 10.62 13.86 7.30
N ILE A 314 10.42 12.85 6.45
CA ILE A 314 9.56 11.73 6.82
C ILE A 314 10.11 11.03 8.06
N GLN A 315 11.43 10.86 8.12
CA GLN A 315 12.05 10.27 9.30
C GLN A 315 11.71 11.07 10.56
N ASP A 316 11.90 12.40 10.52
CA ASP A 316 11.61 13.22 11.68
C ASP A 316 10.12 13.20 12.02
N ALA A 317 9.28 13.23 10.99
CA ALA A 317 7.85 13.09 11.23
C ALA A 317 7.55 11.77 11.91
N TYR A 318 8.15 10.69 11.40
CA TYR A 318 7.80 9.37 11.89
C TYR A 318 8.20 9.21 13.35
N MET A 319 9.37 9.75 13.71
CA MET A 319 9.85 9.55 15.08
C MET A 319 8.84 10.10 16.09
N HIS A 320 8.19 11.20 15.76
CA HIS A 320 7.15 11.74 16.64
C HIS A 320 5.86 10.94 16.53
N ILE A 321 5.44 10.61 15.30
CA ILE A 321 4.19 9.88 15.12
C ILE A 321 4.21 8.60 15.95
N THR A 322 5.25 7.79 15.80
CA THR A 322 5.29 6.53 16.54
C THR A 322 5.27 6.77 18.05
N SER A 323 5.95 7.82 18.52
CA SER A 323 5.98 8.11 19.94
C SER A 323 4.60 8.46 20.47
N VAL A 324 3.86 9.29 19.73
CA VAL A 324 2.49 9.63 20.14
C VAL A 324 1.56 8.42 19.99
N LEU A 325 1.70 7.67 18.89
CA LEU A 325 0.82 6.51 18.69
C LEU A 325 0.94 5.55 19.87
N LYS A 326 2.16 5.33 20.35
CA LYS A 326 2.34 4.39 21.44
C LYS A 326 1.70 4.92 22.71
N ILE A 327 1.77 6.23 22.93
CA ILE A 327 1.15 6.83 24.10
C ILE A 327 -0.36 6.57 24.08
N PHE A 328 -1.01 6.92 22.96
CA PHE A 328 -2.44 6.74 22.82
C PHE A 328 -2.80 5.36 22.29
N GLN A 329 -1.83 4.46 22.18
CA GLN A 329 -2.07 3.05 21.83
C GLN A 329 -2.71 2.93 20.45
N GLY A 330 -2.00 3.45 19.45
CA GLY A 330 -2.35 3.26 18.06
C GLY A 330 -1.19 2.63 17.32
N GLN A 331 -1.45 2.21 16.09
CA GLN A 331 -0.40 1.64 15.28
C GLN A 331 -0.47 2.12 13.85
N ILE A 332 0.67 2.06 13.19
CA ILE A 332 0.75 2.32 11.76
C ILE A 332 0.44 1.03 11.04
N ASN A 333 -0.60 1.06 10.19
CA ASN A 333 -0.95 -0.10 9.38
C ASN A 333 -0.38 -0.02 7.98
N LYS A 334 -0.28 1.17 7.40
CA LYS A 334 0.19 1.32 6.03
C LYS A 334 0.76 2.72 5.87
N VAL A 335 1.82 2.83 5.05
CA VAL A 335 2.36 4.11 4.66
C VAL A 335 2.42 4.15 3.13
N PHE A 336 1.98 5.26 2.55
CA PHE A 336 1.95 5.42 1.10
C PHE A 336 2.60 6.73 0.72
N MET A 337 2.89 6.88 -0.58
CA MET A 337 3.35 8.15 -1.10
C MET A 337 3.02 8.26 -2.59
N PHE A 338 2.44 9.40 -2.98
CA PHE A 338 2.28 9.73 -4.39
C PHE A 338 1.91 11.21 -4.47
N ASP A 339 2.50 11.90 -5.45
CA ASP A 339 2.24 13.33 -5.66
C ASP A 339 2.66 14.14 -4.43
N LYS A 340 3.89 13.91 -4.01
CA LYS A 340 4.56 14.66 -2.95
C LYS A 340 3.82 14.58 -1.60
N GLY A 341 2.85 13.69 -1.46
CA GLY A 341 2.17 13.49 -0.19
C GLY A 341 2.47 12.13 0.41
N CYS A 342 3.11 12.12 1.58
CA CYS A 342 3.35 10.91 2.34
C CYS A 342 2.23 10.73 3.38
N SER A 343 1.59 9.57 3.36
CA SER A 343 0.40 9.35 4.18
C SER A 343 0.59 8.13 5.06
N PHE A 344 0.15 8.27 6.33
CA PHE A 344 0.23 7.20 7.32
C PHE A 344 -1.18 6.76 7.65
N LEU A 345 -1.50 5.51 7.35
CA LEU A 345 -2.77 4.93 7.76
C LEU A 345 -2.59 4.38 9.16
N CYS A 346 -3.02 5.14 10.16
CA CYS A 346 -2.95 4.75 11.55
C CYS A 346 -4.31 4.27 12.03
N VAL A 347 -4.29 3.38 13.01
CA VAL A 347 -5.50 2.70 13.48
C VAL A 347 -5.44 2.60 15.00
N PHE A 348 -6.58 2.80 15.64
CA PHE A 348 -6.72 2.62 17.08
C PHE A 348 -7.79 1.58 17.36
N GLY A 349 -7.48 0.59 18.18
CA GLY A 349 -8.46 -0.38 18.64
C GLY A 349 -8.38 -1.76 18.02
N PHE A 350 -7.27 -2.13 17.32
CA PHE A 350 -7.11 -3.38 16.57
C PHE A 350 -6.39 -4.30 17.58
N PRO A 351 -5.83 -5.43 17.21
CA PRO A 351 -5.88 -6.61 18.11
C PRO A 351 -5.98 -6.55 19.64
N GLY A 352 -5.10 -5.88 20.36
CA GLY A 352 -5.23 -5.90 21.81
C GLY A 352 -5.21 -4.49 22.36
N GLU A 353 -5.73 -3.58 21.53
CA GLU A 353 -5.57 -2.15 21.67
C GLU A 353 -6.89 -1.43 21.77
N LYS A 354 -7.90 -2.12 22.32
CA LYS A 354 -9.22 -1.54 22.44
C LYS A 354 -9.35 -0.95 23.83
N VAL A 355 -9.06 0.35 23.94
CA VAL A 355 -9.17 1.02 25.24
C VAL A 355 -10.49 1.78 25.31
N PRO A 356 -11.00 2.10 26.50
CA PRO A 356 -12.37 2.63 26.58
C PRO A 356 -12.55 3.99 25.92
N ASP A 357 -11.58 4.89 26.00
CA ASP A 357 -11.69 6.25 25.50
C ASP A 357 -11.02 6.44 24.14
N GLU A 358 -11.16 5.42 23.30
CA GLU A 358 -10.48 5.38 22.02
C GLU A 358 -10.64 6.68 21.24
N LEU A 359 -11.87 7.24 21.22
CA LEU A 359 -12.14 8.36 20.33
C LEU A 359 -11.45 9.61 20.80
N THR A 360 -11.54 9.91 22.10
CA THR A 360 -10.81 11.05 22.65
C THR A 360 -9.31 10.93 22.37
N HIS A 361 -8.76 9.74 22.55
CA HIS A 361 -7.32 9.57 22.36
C HIS A 361 -6.95 9.72 20.89
N ALA A 362 -7.80 9.22 19.99
CA ALA A 362 -7.50 9.37 18.57
C ALA A 362 -7.42 10.84 18.19
N LEU A 363 -8.37 11.65 18.66
CA LEU A 363 -8.37 13.07 18.33
C LEU A 363 -7.16 13.77 18.92
N GLU A 364 -6.90 13.56 20.21
CA GLU A 364 -5.75 14.21 20.84
C GLU A 364 -4.45 13.76 20.18
N CYS A 365 -4.36 12.47 19.86
CA CYS A 365 -3.20 11.99 19.13
C CYS A 365 -3.09 12.69 17.77
N ALA A 366 -4.21 12.83 17.06
CA ALA A 366 -4.17 13.52 15.78
C ALA A 366 -3.70 14.95 15.94
N MET A 367 -4.27 15.68 16.89
CA MET A 367 -3.88 17.09 17.07
C MET A 367 -2.42 17.18 17.48
N ASP A 368 -1.96 16.26 18.32
CA ASP A 368 -0.55 16.22 18.69
C ASP A 368 0.32 15.99 17.47
N ILE A 369 0.01 14.97 16.67
CA ILE A 369 0.75 14.74 15.42
C ILE A 369 0.68 15.98 14.52
N PHE A 370 -0.50 16.58 14.40
CA PHE A 370 -0.63 17.77 13.57
C PHE A 370 0.31 18.88 14.04
N ASP A 371 0.31 19.14 15.36
CA ASP A 371 1.10 20.25 15.89
C ASP A 371 2.58 20.04 15.60
N PHE A 372 3.10 18.86 15.90
CA PHE A 372 4.53 18.61 15.72
C PHE A 372 4.91 18.64 14.24
N CYS A 373 4.26 17.82 13.44
CA CYS A 373 4.65 17.69 12.03
C CYS A 373 4.54 19.03 11.30
N SER A 374 3.62 19.89 11.72
CA SER A 374 3.52 21.22 11.11
C SER A 374 4.79 22.05 11.32
N GLN A 375 5.62 21.70 12.29
CA GLN A 375 6.85 22.42 12.56
C GLN A 375 8.09 21.76 11.96
N VAL A 376 7.95 20.59 11.35
CA VAL A 376 9.09 19.96 10.69
C VAL A 376 9.38 20.69 9.39
N HIS A 377 10.65 21.01 9.16
CA HIS A 377 11.02 21.70 7.94
C HIS A 377 10.83 20.79 6.73
N LYS A 378 10.51 21.40 5.61
CA LYS A 378 10.24 20.78 4.31
C LYS A 378 8.84 20.19 4.22
N ILE A 379 8.08 20.16 5.31
CA ILE A 379 6.68 19.72 5.24
C ILE A 379 5.82 20.96 5.15
N GLN A 380 5.16 21.14 3.99
CA GLN A 380 4.43 22.37 3.72
C GLN A 380 3.03 22.35 4.31
N THR A 381 2.42 21.18 4.37
CA THR A 381 1.05 21.05 4.87
C THR A 381 0.87 19.70 5.53
N VAL A 382 0.18 19.71 6.67
CA VAL A 382 -0.23 18.49 7.36
C VAL A 382 -1.74 18.43 7.35
N SER A 383 -2.28 17.25 7.04
CA SER A 383 -3.71 17.02 7.00
C SER A 383 -4.03 15.66 7.60
N ILE A 384 -5.05 15.61 8.43
CA ILE A 384 -5.40 14.38 9.13
C ILE A 384 -6.92 14.23 9.15
N GLY A 385 -7.39 13.07 8.70
CA GLY A 385 -8.81 12.71 8.76
C GLY A 385 -9.02 11.60 9.72
N VAL A 386 -10.08 11.70 10.54
CA VAL A 386 -10.39 10.73 11.57
C VAL A 386 -11.81 10.22 11.35
N ALA A 387 -11.96 8.89 11.30
CA ALA A 387 -13.24 8.24 11.12
C ALA A 387 -13.28 6.98 11.96
N SER A 388 -14.46 6.65 12.48
CA SER A 388 -14.63 5.56 13.42
C SER A 388 -15.82 4.72 12.97
N GLY A 389 -15.61 3.41 12.93
CA GLY A 389 -16.66 2.49 12.52
C GLY A 389 -16.13 1.08 12.36
N ILE A 390 -16.98 0.24 11.81
CA ILE A 390 -16.65 -1.16 11.54
C ILE A 390 -15.79 -1.23 10.28
N VAL A 391 -14.61 -1.83 10.40
CA VAL A 391 -13.73 -2.04 9.25
C VAL A 391 -13.24 -3.47 9.28
N PHE A 392 -13.04 -4.03 8.09
CA PHE A 392 -12.48 -5.37 7.99
C PHE A 392 -10.98 -5.31 8.25
N CYS A 393 -10.48 -6.31 8.96
CA CYS A 393 -9.06 -6.47 9.25
C CYS A 393 -8.69 -7.91 8.94
N GLY A 394 -7.60 -8.10 8.22
CA GLY A 394 -7.18 -9.46 7.89
C GLY A 394 -5.91 -9.46 7.06
N ILE A 395 -5.32 -10.64 6.97
CA ILE A 395 -4.16 -10.89 6.13
C ILE A 395 -4.64 -11.18 4.71
N VAL A 396 -4.27 -10.30 3.78
CA VAL A 396 -4.73 -10.37 2.40
C VAL A 396 -3.55 -10.71 1.50
N GLY A 397 -3.79 -11.60 0.54
CA GLY A 397 -2.80 -11.92 -0.44
C GLY A 397 -2.66 -13.39 -0.71
N HIS A 398 -1.44 -13.81 -1.02
CA HIS A 398 -1.10 -15.20 -1.31
C HIS A 398 -0.38 -15.78 -0.10
N THR A 399 -0.46 -17.11 0.01
CA THR A 399 0.31 -17.82 1.04
C THR A 399 1.74 -17.31 1.11
N VAL A 400 2.37 -17.07 -0.04
CA VAL A 400 3.78 -16.71 -0.03
C VAL A 400 3.99 -15.20 -0.03
N ARG A 401 2.94 -14.42 -0.20
CA ARG A 401 3.09 -12.97 -0.24
C ARG A 401 1.77 -12.36 0.19
N HIS A 402 1.72 -11.81 1.41
CA HIS A 402 0.49 -11.33 2.01
C HIS A 402 0.80 -10.26 3.04
N GLU A 403 -0.20 -9.46 3.36
CA GLU A 403 0.01 -8.35 4.28
C GLU A 403 -1.26 -8.11 5.09
N TYR A 404 -1.07 -7.72 6.34
CA TYR A 404 -2.19 -7.27 7.16
C TYR A 404 -2.71 -5.94 6.63
N THR A 405 -4.02 -5.86 6.39
N THR A 405 -4.02 -5.87 6.38
CA THR A 405 -4.59 -4.67 5.77
CA THR A 405 -4.60 -4.69 5.75
C THR A 405 -6.00 -4.46 6.33
C THR A 405 -5.99 -4.46 6.32
N VAL A 406 -6.39 -3.19 6.37
CA VAL A 406 -7.71 -2.79 6.84
C VAL A 406 -8.49 -2.29 5.63
N ILE A 407 -9.76 -2.67 5.54
CA ILE A 407 -10.61 -2.31 4.42
C ILE A 407 -11.97 -1.86 4.94
N GLY A 408 -12.49 -0.79 4.38
CA GLY A 408 -13.82 -0.33 4.74
C GLY A 408 -14.06 1.10 4.30
N GLN A 409 -15.34 1.47 4.29
CA GLN A 409 -15.70 2.82 3.85
C GLN A 409 -15.16 3.88 4.79
N LYS A 410 -15.06 3.58 6.09
CA LYS A 410 -14.51 4.56 7.00
C LYS A 410 -13.02 4.74 6.78
N VAL A 411 -12.32 3.72 6.27
CA VAL A 411 -10.94 3.92 5.83
C VAL A 411 -10.92 4.91 4.69
N ASN A 412 -11.77 4.70 3.68
CA ASN A 412 -11.80 5.60 2.53
C ASN A 412 -12.25 7.01 2.92
N LEU A 413 -13.16 7.14 3.88
CA LEU A 413 -13.61 8.46 4.29
C LEU A 413 -12.48 9.24 4.96
N ALA A 414 -11.80 8.62 5.94
CA ALA A 414 -10.63 9.29 6.51
C ALA A 414 -9.64 9.69 5.42
N ALA A 415 -9.49 8.85 4.39
CA ALA A 415 -8.52 9.12 3.33
C ALA A 415 -8.92 10.36 2.52
N ARG A 416 -10.18 10.45 2.12
CA ARG A 416 -10.57 11.62 1.35
C ARG A 416 -10.75 12.86 2.22
N MET A 417 -11.09 12.69 3.49
CA MET A 417 -11.14 13.82 4.41
C MET A 417 -9.82 14.58 4.41
N MET A 418 -8.72 13.88 4.61
CA MET A 418 -7.41 14.53 4.68
C MET A 418 -7.02 15.17 3.36
N MET A 419 -7.58 14.71 2.24
CA MET A 419 -7.28 15.30 0.95
C MET A 419 -8.19 16.47 0.62
N TYR A 420 -9.48 16.34 0.91
CA TYR A 420 -10.42 17.40 0.58
C TYR A 420 -10.43 18.53 1.62
N TYR A 421 -9.89 18.29 2.81
CA TYR A 421 -9.82 19.30 3.87
C TYR A 421 -8.36 19.45 4.30
N PRO A 422 -7.50 19.96 3.44
CA PRO A 422 -6.07 20.03 3.78
C PRO A 422 -5.82 21.04 4.89
N GLY A 423 -4.73 20.83 5.62
CA GLY A 423 -4.23 21.79 6.58
C GLY A 423 -4.90 21.77 7.92
N ILE A 424 -5.84 20.85 8.16
CA ILE A 424 -6.54 20.77 9.44
C ILE A 424 -6.73 19.32 9.83
N VAL A 425 -7.23 19.12 11.05
CA VAL A 425 -7.63 17.82 11.55
C VAL A 425 -9.16 17.74 11.44
N THR A 426 -9.65 16.75 10.71
CA THR A 426 -11.08 16.55 10.53
C THR A 426 -11.50 15.25 11.18
N CYS A 427 -12.77 15.17 11.57
CA CYS A 427 -13.34 13.99 12.18
C CYS A 427 -14.76 13.79 11.66
N ASP A 428 -15.23 12.54 11.74
CA ASP A 428 -16.57 12.19 11.29
C ASP A 428 -17.58 12.34 12.44
N SER A 429 -18.85 12.12 12.13
CA SER A 429 -19.90 12.32 13.13
C SER A 429 -19.80 11.27 14.25
N VAL A 430 -19.43 10.04 13.90
CA VAL A 430 -19.26 8.99 14.91
C VAL A 430 -18.24 9.45 15.95
N THR A 431 -17.05 9.87 15.47
CA THR A 431 -16.00 10.32 16.36
C THR A 431 -16.45 11.54 17.16
N TYR A 432 -17.05 12.51 16.48
CA TYR A 432 -17.47 13.73 17.15
C TYR A 432 -18.38 13.42 18.34
N ASN A 433 -19.48 12.70 18.09
CA ASN A 433 -20.47 12.43 19.14
C ASN A 433 -19.90 11.52 20.22
N GLY A 434 -19.06 10.56 19.82
CA GLY A 434 -18.57 9.55 20.75
C GLY A 434 -17.46 10.01 21.66
N SER A 435 -16.74 11.07 21.31
CA SER A 435 -15.67 11.56 22.16
C SER A 435 -16.24 12.15 23.46
N ASN A 436 -15.46 12.03 24.52
CA ASN A 436 -15.79 12.67 25.79
C ASN A 436 -15.20 14.08 25.84
N LEU A 437 -15.45 14.84 24.78
CA LEU A 437 -15.02 16.22 24.64
C LEU A 437 -16.22 17.08 24.33
N PRO A 438 -16.18 18.37 24.69
CA PRO A 438 -17.31 19.26 24.42
C PRO A 438 -17.35 19.71 22.96
N ALA A 439 -18.48 20.33 22.60
CA ALA A 439 -18.70 20.68 21.20
C ALA A 439 -17.78 21.79 20.72
N TYR A 440 -17.54 22.81 21.56
CA TYR A 440 -16.71 23.93 21.12
C TYR A 440 -15.28 23.52 20.82
N PHE A 441 -14.87 22.31 21.19
CA PHE A 441 -13.62 21.77 20.69
C PHE A 441 -13.66 21.50 19.18
N PHE A 442 -14.83 21.63 18.56
CA PHE A 442 -15.03 21.27 17.17
C PHE A 442 -15.63 22.44 16.40
N LYS A 443 -15.62 22.29 15.07
CA LYS A 443 -16.36 23.15 14.17
C LYS A 443 -16.97 22.30 13.08
N GLU A 444 -18.28 22.43 12.89
CA GLU A 444 -18.92 21.79 11.74
C GLU A 444 -18.41 22.43 10.45
N LEU A 445 -18.21 21.61 9.44
CA LEU A 445 -17.57 22.02 8.20
C LEU A 445 -18.54 22.05 7.03
N PRO A 446 -18.23 22.84 5.99
CA PRO A 446 -18.97 22.69 4.72
C PRO A 446 -18.68 21.34 4.08
N LYS A 447 -19.69 20.47 4.02
CA LYS A 447 -19.51 19.13 3.44
C LYS A 447 -19.34 19.24 1.93
N LYS A 448 -18.33 18.56 1.42
CA LYS A 448 -17.97 18.63 0.02
C LYS A 448 -18.27 17.31 -0.66
N VAL A 449 -18.63 17.40 -1.95
CA VAL A 449 -18.70 16.26 -2.87
C VAL A 449 -17.35 15.53 -2.81
N MET A 450 -17.34 14.25 -2.44
CA MET A 450 -16.10 13.48 -2.32
C MET A 450 -16.21 12.20 -3.15
N LYS A 451 -15.15 11.91 -3.90
CA LYS A 451 -15.05 10.76 -4.78
C LYS A 451 -15.57 9.49 -4.12
N GLY A 452 -16.56 8.88 -4.74
CA GLY A 452 -17.11 7.63 -4.27
C GLY A 452 -17.31 7.56 -2.77
N VAL A 453 -17.98 8.56 -2.19
CA VAL A 453 -18.32 8.55 -0.78
C VAL A 453 -19.79 8.86 -0.61
N ALA A 454 -20.49 8.09 0.21
CA ALA A 454 -21.91 8.22 0.47
C ALA A 454 -22.15 9.52 1.23
N ASP A 455 -23.38 9.73 1.68
CA ASP A 455 -23.60 10.89 2.52
C ASP A 455 -22.82 10.69 3.81
N SER A 456 -21.69 11.40 3.92
CA SER A 456 -20.77 11.25 5.04
C SER A 456 -21.50 11.31 6.39
N GLY A 457 -22.51 12.17 6.48
CA GLY A 457 -22.96 12.70 7.74
C GLY A 457 -22.20 13.99 7.98
N PRO A 458 -22.50 14.69 9.08
CA PRO A 458 -21.74 15.92 9.37
C PRO A 458 -20.26 15.61 9.55
N LEU A 459 -19.42 16.38 8.89
CA LEU A 459 -17.98 16.38 9.11
C LEU A 459 -17.60 17.57 9.96
N TYR A 460 -16.58 17.39 10.80
CA TYR A 460 -16.16 18.41 11.76
C TYR A 460 -14.66 18.63 11.68
N GLN A 461 -14.25 19.85 12.02
CA GLN A 461 -12.85 20.14 12.26
C GLN A 461 -12.60 20.04 13.76
N TYR A 462 -11.52 19.36 14.14
CA TYR A 462 -11.12 19.31 15.55
C TYR A 462 -10.33 20.58 15.86
N TRP A 463 -11.01 21.59 16.43
CA TRP A 463 -10.39 22.90 16.63
C TRP A 463 -9.34 22.85 17.74
N GLY A 464 -9.62 22.11 18.81
CA GLY A 464 -8.77 22.07 19.97
C GLY A 464 -9.46 22.69 21.17
N ARG A 465 -8.69 22.79 22.26
CA ARG A 465 -9.24 23.26 23.52
C ARG A 465 -9.36 24.78 23.61
N THR A 466 -8.67 25.51 22.73
CA THR A 466 -8.67 26.97 22.75
C THR A 466 -9.03 27.50 21.38
N GLU A 467 -9.28 28.82 21.31
CA GLU A 467 -9.52 29.46 20.02
C GLU A 467 -8.22 29.69 19.27
N LYS A 468 -7.16 30.08 19.99
CA LYS A 468 -5.85 30.32 19.38
C LYS A 468 -4.94 29.12 19.60
C01 VE1 B . 4.68 4.16 -2.40
C03 VE1 B . 2.91 2.33 -2.35
C04 VE1 B . 3.95 1.33 -1.97
C05 VE1 B . 5.32 1.83 -1.82
C08 VE1 B . -0.67 1.75 -2.92
C09 VE1 B . 0.38 2.60 -2.82
C10 VE1 B . 1.49 1.85 -2.53
C12 VE1 B . -0.83 4.71 -5.24
C13 VE1 B . -0.74 5.04 -6.73
C14 VE1 B . 0.62 5.11 -7.41
C15 VE1 B . 1.87 4.84 -6.60
C16 VE1 B . 1.79 4.52 -5.10
C17 VE1 B . 0.43 4.45 -4.44
C19 VE1 B . 0.36 4.12 -2.96
C20 VE1 B . -1.00 -0.73 -2.76
F18 VE1 B . -1.88 5.30 -7.42
N02 VE1 B . 3.29 3.71 -2.55
N06 VE1 B . 5.71 3.20 -2.02
N07 VE1 B . -0.22 0.50 -2.72
N11 VE1 B . 1.14 0.57 -2.48
N21 VE1 B . 5.06 5.53 -2.61
CL22 VE1 B . 6.54 0.68 -1.38
H041 VE1 B . 3.73 0.44 -1.84
H081 VE1 B . -1.55 1.99 -3.11
H121 VE1 B . -1.67 4.66 -4.83
H141 VE1 B . 0.67 5.29 -8.31
H151 VE1 B . 2.70 4.87 -7.01
H161 VE1 B . 2.57 4.37 -4.62
H191 VE1 B . -0.47 4.47 -2.59
H192 VE1 B . 1.11 4.50 -2.50
H201 VE1 B . -0.93 -1.19 -1.91
H202 VE1 B . -0.66 -1.30 -3.47
H203 VE1 B . -1.93 -0.51 -2.94
H211 VE1 B . 5.86 5.80 -2.43
H212 VE1 B . 4.48 6.09 -2.91
S DMS C . -9.53 -16.54 -9.92
O DMS C . -10.82 -17.23 -10.20
C1 DMS C . -9.78 -14.75 -9.89
C2 DMS C . -8.43 -16.69 -11.35
H11 DMS C . -9.91 -14.42 -8.89
H12 DMS C . -8.93 -14.27 -10.31
H13 DMS C . -10.64 -14.50 -10.46
H21 DMS C . -8.14 -17.71 -11.47
H22 DMS C . -7.56 -16.09 -11.19
H23 DMS C . -8.93 -16.36 -12.22
S DMS D . 5.58 -17.11 -17.76
O DMS D . 4.15 -17.45 -17.47
C1 DMS D . 5.94 -17.53 -19.49
C2 DMS D . 6.68 -18.27 -16.91
H11 DMS D . 6.91 -17.21 -19.74
H12 DMS D . 5.23 -17.06 -20.13
H13 DMS D . 5.87 -18.59 -19.62
H21 DMS D . 6.51 -19.25 -17.27
H22 DMS D . 7.69 -17.99 -17.09
H23 DMS D . 6.49 -18.23 -15.87
S DMS E . 17.62 -5.34 5.00
O DMS E . 17.85 -6.80 5.37
C1 DMS E . 15.96 -4.92 5.61
C2 DMS E . 17.32 -5.23 3.25
H11 DMS E . 15.70 -3.95 5.28
H12 DMS E . 15.95 -4.96 6.67
H13 DMS E . 15.26 -5.62 5.22
H21 DMS E . 16.36 -4.82 3.09
H22 DMS E . 17.35 -6.20 2.83
H23 DMS E . 18.05 -4.62 2.80
S DMS F . -3.06 -19.27 -1.72
O DMS F . -2.35 -17.98 -1.68
C1 DMS F . -2.35 -20.38 -2.96
C2 DMS F . -4.74 -19.09 -2.35
H11 DMS F . -2.91 -21.28 -2.98
H12 DMS F . -1.35 -20.61 -2.70
H13 DMS F . -2.39 -19.93 -3.91
H21 DMS F . -5.25 -18.34 -1.79
H22 DMS F . -4.71 -18.80 -3.38
H23 DMS F . -5.25 -20.01 -2.27
C ACT G . 8.97 -5.14 16.45
O ACT G . 8.13 -4.93 15.49
OXT ACT G . 8.85 -4.87 17.69
CH3 ACT G . 10.26 -5.70 16.02
H1 ACT G . 10.72 -6.09 16.79
H2 ACT G . 10.12 -6.38 15.35
H3 ACT G . 10.82 -5.00 15.65
C1 EDO H . 11.27 -11.41 -7.91
O1 EDO H . 12.30 -10.56 -7.40
C2 EDO H . 11.83 -12.32 -9.00
O2 EDO H . 12.59 -11.54 -9.94
H11 EDO H . 10.47 -10.80 -8.32
H12 EDO H . 10.86 -12.02 -7.10
HO1 EDO H . 11.93 -9.98 -6.72
H21 EDO H . 11.01 -12.83 -9.52
H22 EDO H . 12.46 -13.09 -8.55
HO2 EDO H . 12.95 -12.12 -10.62
C1 EDO I . 8.55 -19.55 -11.56
O1 EDO I . 9.64 -20.28 -11.00
C2 EDO I . 7.23 -20.17 -11.13
O2 EDO I . 7.17 -20.19 -9.70
H11 EDO I . 8.58 -18.51 -11.25
H12 EDO I . 8.61 -19.58 -12.65
HO1 EDO I . 10.48 -19.87 -11.29
H21 EDO I . 6.40 -19.61 -11.52
H22 EDO I . 7.15 -21.20 -11.52
HO2 EDO I . 6.34 -20.59 -9.41
C1 EDO J . 4.60 -23.74 -4.56
O1 EDO J . 3.86 -24.09 -5.74
C2 EDO J . 5.29 -22.40 -4.76
O2 EDO J . 5.93 -21.96 -3.54
H11 EDO J . 3.91 -23.67 -3.71
H12 EDO J . 5.33 -24.51 -4.34
HO1 EDO J . 3.41 -24.93 -5.61
H21 EDO J . 4.57 -21.64 -5.07
H22 EDO J . 6.04 -22.48 -5.55
HO2 EDO J . 6.33 -21.09 -3.69
C1 EDO K . 11.52 -34.51 1.46
O1 EDO K . 10.57 -33.52 1.89
C2 EDO K . 12.43 -33.89 0.41
O2 EDO K . 13.61 -34.71 0.30
H11 EDO K . 10.99 -35.37 1.06
H12 EDO K . 12.11 -34.85 2.32
HO1 EDO K . 9.99 -33.89 2.57
H21 EDO K . 11.92 -33.85 -0.55
H22 EDO K . 12.71 -32.87 0.69
HO2 EDO K . 14.22 -34.31 -0.32
C1 EDO L . -7.15 -4.09 -23.24
O1 EDO L . -6.90 -5.51 -23.12
C2 EDO L . -6.31 -3.35 -22.18
O2 EDO L . -6.08 -2.01 -22.61
H11 EDO L . -8.20 -3.88 -23.09
H12 EDO L . -6.87 -3.75 -24.23
HO1 EDO L . -7.33 -5.97 -23.86
H21 EDO L . -6.85 -3.35 -21.22
H22 EDO L . -5.37 -3.87 -22.03
HO2 EDO L . -5.31 -1.64 -22.16
C1 EDO M . 2.98 -0.55 6.13
O1 EDO M . 3.20 0.01 4.81
C2 EDO M . 4.21 -0.26 7.00
O2 EDO M . 5.14 0.47 6.19
H11 EDO M . 2.09 -0.12 6.59
H12 EDO M . 2.82 -1.63 6.06
HO1 EDO M . 2.44 -0.22 4.24
H21 EDO M . 3.94 0.31 7.89
H22 EDO M . 4.67 -1.20 7.35
HO2 EDO M . 6.01 0.46 6.60
#